data_9W7N
#
_entry.id   9W7N
#
_cell.length_a   36.039
_cell.length_b   51.011
_cell.length_c   130.533
_cell.angle_alpha   90
_cell.angle_beta   92.799
_cell.angle_gamma   90
#
_symmetry.space_group_name_H-M   'P 1 21 1'
#
loop_
_entity.id
_entity.type
_entity.pdbx_description
1 polymer 'Beta-lactamase SME-1'
2 non-polymer Vaborbactam
3 non-polymer 'TETRAETHYLENE GLYCOL'
4 non-polymer 1,2-ETHANEDIOL
5 water water
#
_entity_poly.entity_id   1
_entity_poly.type   'polypeptide(L)'
_entity_poly.pdbx_seq_one_letter_code
;NKSDAAAKQIKKLEEDFDGRIGVFAIDTGSGNTFGYRSDERFPLCSSFKGFLAAAVLERVQQKKLDINQKVKYESRDLEY
HSPITTKYKGSGMTLGDMASAALQYSDNGATNIIMERFLGGPEGMTKFMRSIGDNEFRLDRWELELNTAIPGDKRDTSTP
KAVANSLNKLALGNVLNAKVKAIYQNWLKGNTTGDARIRASVPADWVVGDKTGSCGAYGTANDYAVIWPKNRAPLIVSIY
TTRKSKDDKHSDKTIAEASRIAIQAID
;
_entity_poly.pdbx_strand_id   A,B
#
loop_
_chem_comp.id
_chem_comp.type
_chem_comp.name
_chem_comp.formula
4D6 non-polymer Vaborbactam 'C12 H16 B N O5 S'
EDO non-polymer 1,2-ETHANEDIOL 'C2 H6 O2'
PG4 non-polymer 'TETRAETHYLENE GLYCOL' 'C8 H18 O5'
#
# COMPACT_ATOMS: atom_id res chain seq x y z
N ASN A 1 25.30 -6.59 -2.59
CA ASN A 1 26.44 -5.67 -2.28
C ASN A 1 26.12 -4.95 -0.97
N LYS A 2 25.19 -3.98 -1.03
CA LYS A 2 24.82 -3.19 0.14
C LYS A 2 24.34 -4.15 1.22
N SER A 3 23.45 -5.06 0.82
CA SER A 3 22.83 -6.04 1.70
C SER A 3 23.89 -6.86 2.45
N ASP A 4 24.94 -7.30 1.73
CA ASP A 4 25.89 -8.26 2.31
C ASP A 4 26.94 -7.52 3.13
N ALA A 5 27.26 -6.30 2.70
CA ALA A 5 28.17 -5.46 3.46
C ALA A 5 27.48 -5.04 4.77
N ALA A 6 26.17 -4.76 4.74
CA ALA A 6 25.43 -4.42 5.95
C ALA A 6 25.37 -5.61 6.90
N ALA A 7 25.14 -6.82 6.35
CA ALA A 7 25.17 -8.06 7.13
C ALA A 7 26.50 -8.22 7.91
N LYS A 8 27.65 -8.03 7.24
CA LYS A 8 28.95 -8.05 7.91
C LYS A 8 29.07 -7.01 9.01
N GLN A 9 28.59 -5.79 8.76
CA GLN A 9 28.63 -4.73 9.76
C GLN A 9 27.81 -5.10 11.00
N ILE A 10 26.58 -5.62 10.81
CA ILE A 10 25.76 -6.11 11.93
C ILE A 10 26.50 -7.22 12.67
N LYS A 11 27.11 -8.13 11.92
CA LYS A 11 27.78 -9.29 12.49
C LYS A 11 28.93 -8.82 13.38
N LYS A 12 29.68 -7.82 12.89
CA LYS A 12 30.78 -7.26 13.68
C LYS A 12 30.20 -6.57 14.91
N LEU A 13 29.01 -6.00 14.75
CA LEU A 13 28.42 -5.22 15.83
C LEU A 13 27.93 -6.17 16.91
N GLU A 14 27.46 -7.35 16.49
CA GLU A 14 26.93 -8.29 17.47
C GLU A 14 28.07 -8.93 18.24
N GLU A 15 29.23 -9.03 17.60
CA GLU A 15 30.37 -9.63 18.29
C GLU A 15 30.84 -8.66 19.36
N ASP A 16 30.97 -7.38 18.95
CA ASP A 16 31.33 -6.28 19.80
C ASP A 16 30.45 -6.29 21.07
N PHE A 17 29.14 -6.58 20.97
CA PHE A 17 28.33 -6.46 22.18
C PHE A 17 28.05 -7.83 22.80
N ASP A 18 28.62 -8.89 22.22
CA ASP A 18 28.50 -10.22 22.79
C ASP A 18 27.04 -10.66 22.92
N GLY A 19 26.24 -10.54 21.85
CA GLY A 19 24.85 -10.98 21.88
C GLY A 19 24.36 -11.26 20.47
N ARG A 20 23.04 -11.19 20.27
CA ARG A 20 22.37 -11.34 18.99
C ARG A 20 21.59 -10.07 18.63
N ILE A 21 21.66 -9.68 17.36
CA ILE A 21 21.00 -8.50 16.80
C ILE A 21 20.15 -8.96 15.62
N GLY A 22 18.85 -8.68 15.71
CA GLY A 22 17.90 -8.98 14.65
C GLY A 22 17.38 -7.71 14.00
N VAL A 23 17.38 -7.68 12.66
CA VAL A 23 17.09 -6.42 11.97
C VAL A 23 16.16 -6.74 10.81
N PHE A 24 15.14 -5.91 10.63
CA PHE A 24 14.48 -5.84 9.34
C PHE A 24 14.12 -4.38 9.03
N ALA A 25 14.38 -3.95 7.78
CA ALA A 25 14.12 -2.56 7.39
C ALA A 25 13.51 -2.46 5.99
N ILE A 26 12.59 -1.51 5.82
CA ILE A 26 11.85 -1.36 4.58
C ILE A 26 11.93 0.09 4.12
N ASP A 27 12.35 0.29 2.85
CA ASP A 27 12.15 1.60 2.26
C ASP A 27 10.87 1.51 1.46
N THR A 28 9.81 2.17 1.94
CA THR A 28 8.46 2.01 1.42
C THR A 28 8.29 2.75 0.09
N GLY A 29 9.27 3.61 -0.25
CA GLY A 29 9.26 4.25 -1.56
C GLY A 29 9.76 3.28 -2.63
N SER A 30 11.00 2.83 -2.44
CA SER A 30 11.69 2.04 -3.44
C SER A 30 11.32 0.56 -3.28
N GLY A 31 10.92 0.17 -2.07
CA GLY A 31 10.60 -1.23 -1.84
C GLY A 31 11.81 -2.06 -1.43
N ASN A 32 13.00 -1.45 -1.35
CA ASN A 32 14.17 -2.18 -0.90
C ASN A 32 14.04 -2.51 0.58
N THR A 33 14.52 -3.70 0.93
CA THR A 33 14.49 -4.21 2.28
C THR A 33 15.89 -4.72 2.61
N PHE A 34 16.13 -4.91 3.92
CA PHE A 34 17.34 -5.50 4.48
C PHE A 34 16.93 -6.28 5.72
N GLY A 35 17.44 -7.51 5.84
CA GLY A 35 17.12 -8.39 6.96
C GLY A 35 18.39 -9.05 7.49
N TYR A 36 18.56 -9.04 8.80
CA TYR A 36 19.67 -9.76 9.38
C TYR A 36 19.09 -10.52 10.56
N ARG A 37 19.20 -11.85 10.50
CA ARG A 37 18.50 -12.73 11.44
C ARG A 37 17.02 -12.40 11.53
N SER A 38 16.40 -12.03 10.40
CA SER A 38 15.08 -11.42 10.41
C SER A 38 13.96 -12.43 10.70
N ASP A 39 14.28 -13.74 10.61
CA ASP A 39 13.29 -14.77 10.88
C ASP A 39 13.58 -15.52 12.18
N GLU A 40 14.58 -15.04 12.94
CA GLU A 40 14.83 -15.62 14.24
C GLU A 40 13.91 -15.01 15.31
N ARG A 41 13.68 -15.78 16.37
CA ARG A 41 12.82 -15.44 17.49
C ARG A 41 13.55 -14.45 18.40
N PHE A 42 12.89 -13.32 18.73
CA PHE A 42 13.35 -12.40 19.75
C PHE A 42 12.20 -12.07 20.72
N PRO A 43 12.49 -11.87 22.03
CA PRO A 43 11.45 -11.51 23.01
C PRO A 43 10.86 -10.14 22.66
N LEU A 44 9.54 -10.04 22.72
CA LEU A 44 8.84 -8.80 22.41
C LEU A 44 9.13 -7.71 23.46
N CYS A 45 9.29 -8.13 24.71
CA CYS A 45 9.31 -7.18 25.82
C CYS A 45 8.15 -6.20 25.63
N SER A 46 8.35 -4.95 26.04
CA SER A 46 7.28 -3.97 25.98
C SER A 46 6.92 -3.55 24.56
N SER A 47 7.67 -4.01 23.54
CA SER A 47 7.38 -3.51 22.20
C SER A 47 6.00 -3.96 21.72
N PHE A 48 5.42 -5.02 22.28
CA PHE A 48 4.10 -5.36 21.79
C PHE A 48 3.04 -4.32 22.15
N LYS A 49 3.32 -3.43 23.11
CA LYS A 49 2.35 -2.43 23.56
C LYS A 49 1.93 -1.50 22.43
N GLY A 50 2.82 -1.28 21.46
CA GLY A 50 2.51 -0.49 20.28
C GLY A 50 1.38 -1.15 19.50
N PHE A 51 1.38 -2.49 19.45
CA PHE A 51 0.31 -3.16 18.74
C PHE A 51 -0.97 -3.25 19.58
N LEU A 52 -0.81 -3.47 20.89
CA LEU A 52 -1.92 -3.36 21.83
C LEU A 52 -2.69 -2.05 21.60
N ALA A 53 -1.96 -0.94 21.46
CA ALA A 53 -2.61 0.36 21.30
C ALA A 53 -3.41 0.36 20.00
N ALA A 54 -2.84 -0.27 18.95
CA ALA A 54 -3.50 -0.33 17.66
C ALA A 54 -4.72 -1.26 17.71
N ALA A 55 -4.64 -2.35 18.49
CA ALA A 55 -5.81 -3.20 18.70
C ALA A 55 -6.95 -2.42 19.35
N VAL A 56 -6.63 -1.58 20.33
CA VAL A 56 -7.66 -0.75 20.98
C VAL A 56 -8.34 0.17 19.96
N LEU A 57 -7.52 0.80 19.12
CA LEU A 57 -7.96 1.73 18.08
C LEU A 57 -8.92 1.06 17.11
N GLU A 58 -8.61 -0.19 16.71
CA GLU A 58 -9.43 -0.95 15.79
C GLU A 58 -10.79 -1.24 16.42
N ARG A 59 -10.79 -1.69 17.68
CA ARG A 59 -12.04 -1.84 18.42
C ARG A 59 -12.85 -0.54 18.47
N VAL A 60 -12.17 0.60 18.64
CA VAL A 60 -12.86 1.90 18.66
C VAL A 60 -13.50 2.17 17.30
N GLN A 61 -12.73 1.98 16.23
CA GLN A 61 -13.18 2.16 14.86
C GLN A 61 -14.42 1.30 14.59
N GLN A 62 -14.43 0.07 15.10
CA GLN A 62 -15.54 -0.86 14.88
C GLN A 62 -16.70 -0.57 15.81
N LYS A 63 -16.53 0.43 16.68
CA LYS A 63 -17.57 0.92 17.58
C LYS A 63 -17.91 -0.12 18.66
N LYS A 64 -16.93 -0.97 18.98
CA LYS A 64 -17.08 -1.89 20.11
C LYS A 64 -16.68 -1.18 21.40
N LEU A 65 -15.96 -0.07 21.25
CA LEU A 65 -15.42 0.69 22.38
C LEU A 65 -15.45 2.19 22.03
N ASP A 66 -15.51 3.04 23.05
CA ASP A 66 -15.51 4.48 22.91
C ASP A 66 -14.15 4.99 23.38
N ILE A 67 -13.50 5.80 22.56
CA ILE A 67 -12.16 6.22 22.94
C ILE A 67 -12.18 7.08 24.21
N ASN A 68 -13.36 7.59 24.59
CA ASN A 68 -13.51 8.58 25.66
C ASN A 68 -14.06 7.89 26.91
N GLN A 69 -14.35 6.58 26.83
CA GLN A 69 -14.97 5.90 27.96
C GLN A 69 -13.97 5.88 29.12
N LYS A 70 -14.47 6.14 30.34
CA LYS A 70 -13.67 6.11 31.55
C LYS A 70 -13.29 4.66 31.88
N VAL A 71 -12.04 4.46 32.31
CA VAL A 71 -11.57 3.16 32.77
C VAL A 71 -11.09 3.34 34.20
N LYS A 72 -11.81 2.71 35.14
CA LYS A 72 -11.56 2.87 36.56
C LYS A 72 -10.83 1.64 37.11
N TYR A 73 -9.95 1.87 38.09
CA TYR A 73 -9.09 0.83 38.63
C TYR A 73 -8.59 1.23 40.03
N GLU A 74 -9.49 1.80 40.85
CA GLU A 74 -9.10 2.49 42.06
C GLU A 74 -8.59 1.56 43.16
N SER A 75 -9.03 0.29 43.13
CA SER A 75 -8.59 -0.72 44.08
C SER A 75 -7.39 -1.52 43.59
N ARG A 76 -6.94 -1.33 42.34
CA ARG A 76 -6.02 -2.28 41.76
C ARG A 76 -4.65 -2.24 42.44
N ASP A 77 -4.05 -3.41 42.70
CA ASP A 77 -2.66 -3.34 43.07
C ASP A 77 -1.82 -3.21 41.80
N LEU A 78 -1.46 -1.97 41.49
CA LEU A 78 -0.83 -1.59 40.23
C LEU A 78 0.53 -2.25 40.05
N GLU A 79 0.73 -2.78 38.84
CA GLU A 79 1.98 -3.41 38.42
C GLU A 79 3.15 -2.42 38.51
N TYR A 80 4.32 -2.99 38.79
CA TYR A 80 5.59 -2.28 38.69
C TYR A 80 5.71 -1.62 37.32
N HIS A 81 6.34 -0.44 37.27
CA HIS A 81 6.56 0.33 36.06
C HIS A 81 5.21 0.77 35.48
N SER A 82 4.44 1.47 36.32
CA SER A 82 3.20 2.05 35.87
C SER A 82 3.27 3.57 36.05
N PRO A 83 4.23 4.29 35.43
CA PRO A 83 4.39 5.72 35.73
C PRO A 83 3.17 6.58 35.46
N ILE A 84 2.29 6.14 34.57
CA ILE A 84 1.19 7.01 34.19
C ILE A 84 -0.05 6.58 34.97
N THR A 85 -0.32 5.28 34.97
CA THR A 85 -1.59 4.88 35.56
C THR A 85 -1.56 5.14 37.06
N THR A 86 -0.36 5.05 37.68
CA THR A 86 -0.22 5.25 39.11
C THR A 86 -0.81 6.61 39.51
N LYS A 87 -0.51 7.63 38.70
CA LYS A 87 -0.89 8.99 39.07
C LYS A 87 -2.39 9.24 38.91
N TYR A 88 -3.07 8.47 38.05
CA TYR A 88 -4.49 8.72 37.82
C TYR A 88 -5.37 7.67 38.52
N LYS A 89 -4.76 6.86 39.40
CA LYS A 89 -5.47 5.79 40.10
C LYS A 89 -6.75 6.34 40.74
N GLY A 90 -6.64 7.52 41.38
CA GLY A 90 -7.78 8.19 41.98
C GLY A 90 -8.99 8.36 41.04
N SER A 91 -8.78 8.85 39.82
CA SER A 91 -9.90 9.37 39.03
C SER A 91 -10.15 8.59 37.74
N GLY A 92 -9.32 7.56 37.48
CA GLY A 92 -9.48 6.74 36.28
C GLY A 92 -8.90 7.48 35.07
N MET A 93 -8.95 6.85 33.89
CA MET A 93 -8.43 7.39 32.64
C MET A 93 -9.35 6.99 31.49
N THR A 94 -9.36 7.79 30.41
CA THR A 94 -10.13 7.41 29.23
C THR A 94 -9.43 6.20 28.64
N LEU A 95 -10.20 5.38 27.90
CA LEU A 95 -9.65 4.22 27.20
C LEU A 95 -8.50 4.66 26.28
N GLY A 96 -8.74 5.73 25.50
CA GLY A 96 -7.72 6.32 24.64
C GLY A 96 -6.41 6.63 25.35
N ASP A 97 -6.51 7.31 26.50
CA ASP A 97 -5.34 7.77 27.22
C ASP A 97 -4.57 6.59 27.79
N MET A 98 -5.31 5.55 28.20
CA MET A 98 -4.69 4.38 28.80
C MET A 98 -3.90 3.61 27.74
N ALA A 99 -4.48 3.47 26.55
CA ALA A 99 -3.78 2.88 25.40
C ALA A 99 -2.51 3.65 25.02
N SER A 100 -2.60 4.99 25.00
CA SER A 100 -1.44 5.76 24.57
C SER A 100 -0.40 5.80 25.69
N ALA A 101 -0.85 5.59 26.93
CA ALA A 101 0.07 5.46 28.04
C ALA A 101 0.83 4.13 27.96
N ALA A 102 0.19 3.08 27.45
CA ALA A 102 0.82 1.78 27.27
C ALA A 102 1.89 1.92 26.19
N LEU A 103 1.51 2.63 25.11
CA LEU A 103 2.43 2.92 24.01
C LEU A 103 3.57 3.82 24.49
N GLN A 104 3.24 5.03 24.93
CA GLN A 104 4.22 6.09 24.98
C GLN A 104 5.12 5.99 26.21
N TYR A 105 4.65 5.32 27.28
CA TYR A 105 5.47 5.20 28.48
C TYR A 105 5.66 3.75 28.89
N SER A 106 5.19 2.80 28.08
CA SER A 106 5.27 1.39 28.40
C SER A 106 4.63 1.06 29.74
N ASP A 107 3.54 1.75 30.07
CA ASP A 107 2.85 1.58 31.34
C ASP A 107 2.34 0.14 31.52
N ASN A 108 2.79 -0.52 32.59
CA ASN A 108 2.44 -1.92 32.79
C ASN A 108 0.99 -2.09 33.27
N GLY A 109 0.51 -1.17 34.14
CA GLY A 109 -0.87 -1.17 34.62
C GLY A 109 -1.89 -1.03 33.48
N ALA A 110 -1.60 -0.10 32.57
CA ALA A 110 -2.38 0.17 31.38
C ALA A 110 -2.48 -1.08 30.50
N THR A 111 -1.34 -1.75 30.36
CA THR A 111 -1.22 -2.89 29.48
C THR A 111 -2.11 -4.02 30.01
N ASN A 112 -1.94 -4.39 31.28
CA ASN A 112 -2.67 -5.51 31.84
C ASN A 112 -4.16 -5.21 31.93
N ILE A 113 -4.51 -3.96 32.32
CA ILE A 113 -5.91 -3.59 32.45
C ILE A 113 -6.59 -3.77 31.11
N ILE A 114 -5.96 -3.25 30.04
CA ILE A 114 -6.58 -3.25 28.73
C ILE A 114 -6.72 -4.69 28.25
N MET A 115 -5.69 -5.50 28.52
CA MET A 115 -5.72 -6.88 28.03
C MET A 115 -6.77 -7.68 28.80
N GLU A 116 -6.98 -7.34 30.07
CA GLU A 116 -7.94 -8.11 30.82
C GLU A 116 -9.37 -7.72 30.45
N ARG A 117 -9.63 -6.43 30.14
CA ARG A 117 -11.00 -5.95 29.99
C ARG A 117 -11.45 -5.86 28.53
N PHE A 118 -10.53 -5.57 27.61
CA PHE A 118 -10.93 -5.13 26.27
C PHE A 118 -10.39 -6.04 25.15
N LEU A 119 -9.28 -6.75 25.39
CA LEU A 119 -8.58 -7.41 24.30
C LEU A 119 -8.63 -8.94 24.41
N GLY A 120 -9.10 -9.49 25.52
CA GLY A 120 -9.15 -10.95 25.53
C GLY A 120 -7.82 -11.59 25.94
N GLY A 121 -7.00 -10.85 26.72
CA GLY A 121 -5.80 -11.40 27.33
C GLY A 121 -4.70 -11.57 26.28
N PRO A 122 -3.54 -12.21 26.61
CA PRO A 122 -2.53 -12.48 25.59
C PRO A 122 -3.08 -13.25 24.38
N GLU A 123 -4.00 -14.20 24.62
CA GLU A 123 -4.62 -14.94 23.52
C GLU A 123 -5.33 -13.99 22.55
N GLY A 124 -6.08 -13.02 23.12
CA GLY A 124 -6.78 -12.00 22.33
C GLY A 124 -5.81 -11.06 21.59
N MET A 125 -4.68 -10.71 22.20
CA MET A 125 -3.64 -9.90 21.59
C MET A 125 -3.08 -10.65 20.37
N THR A 126 -2.78 -11.93 20.59
CA THR A 126 -2.28 -12.76 19.52
C THR A 126 -3.32 -12.85 18.41
N LYS A 127 -4.61 -12.98 18.77
CA LYS A 127 -5.66 -13.09 17.75
C LYS A 127 -5.69 -11.82 16.88
N PHE A 128 -5.47 -10.66 17.51
CA PHE A 128 -5.48 -9.40 16.77
C PHE A 128 -4.42 -9.47 15.65
N MET A 129 -3.19 -9.89 16.00
CA MET A 129 -2.10 -9.88 15.04
C MET A 129 -2.33 -10.93 13.94
N ARG A 130 -2.98 -12.07 14.31
CA ARG A 130 -3.34 -13.07 13.33
C ARG A 130 -4.24 -12.43 12.27
N SER A 131 -5.18 -11.61 12.75
CA SER A 131 -6.18 -10.95 11.93
C SER A 131 -5.57 -9.91 10.99
N ILE A 132 -4.35 -9.41 11.27
CA ILE A 132 -3.71 -8.58 10.26
C ILE A 132 -2.76 -9.40 9.38
N GLY A 133 -2.76 -10.72 9.58
CA GLY A 133 -1.93 -11.59 8.74
C GLY A 133 -0.53 -11.80 9.31
N ASP A 134 -0.33 -11.48 10.60
CA ASP A 134 0.95 -11.72 11.26
C ASP A 134 0.92 -13.08 11.96
N ASN A 135 1.74 -14.01 11.45
CA ASN A 135 1.73 -15.40 11.88
C ASN A 135 2.88 -15.76 12.81
N GLU A 136 3.84 -14.86 13.04
CA GLU A 136 4.99 -15.15 13.89
CA GLU A 136 4.97 -15.18 13.91
C GLU A 136 4.76 -14.65 15.32
N PHE A 137 4.08 -13.49 15.44
CA PHE A 137 3.86 -12.85 16.73
C PHE A 137 3.09 -13.78 17.67
N ARG A 138 3.53 -13.89 18.94
CA ARG A 138 2.75 -14.60 19.93
C ARG A 138 2.91 -13.96 21.31
N LEU A 139 1.79 -13.62 21.96
CA LEU A 139 1.86 -13.24 23.37
C LEU A 139 1.24 -14.33 24.24
N ASP A 140 2.03 -14.81 25.21
CA ASP A 140 1.66 -15.96 26.02
C ASP A 140 1.32 -15.51 27.45
N ARG A 141 2.03 -14.51 27.98
CA ARG A 141 1.93 -14.19 29.39
C ARG A 141 1.48 -12.73 29.59
N TRP A 142 1.32 -12.36 30.86
CA TRP A 142 0.86 -11.04 31.29
C TRP A 142 2.07 -10.26 31.76
N GLU A 143 1.88 -8.97 32.05
CA GLU A 143 2.94 -8.20 32.71
C GLU A 143 3.04 -8.70 34.14
N LEU A 144 4.26 -8.80 34.70
CA LEU A 144 5.55 -8.53 34.10
C LEU A 144 6.26 -9.83 33.69
N GLU A 145 5.63 -10.99 33.88
CA GLU A 145 6.27 -12.25 33.56
C GLU A 145 6.66 -12.34 32.08
N LEU A 146 5.92 -11.64 31.21
CA LEU A 146 6.22 -11.75 29.78
C LEU A 146 7.65 -11.30 29.45
N ASN A 147 8.33 -10.66 30.41
CA ASN A 147 9.62 -10.02 30.20
C ASN A 147 10.82 -10.90 30.55
N THR A 148 10.58 -12.12 31.07
CA THR A 148 11.70 -12.90 31.56
C THR A 148 12.81 -13.12 30.54
N ALA A 149 12.48 -13.20 29.23
CA ALA A 149 13.46 -13.26 28.16
C ALA A 149 14.51 -14.36 28.35
N ILE A 150 14.08 -15.56 28.75
CA ILE A 150 15.00 -16.65 28.96
C ILE A 150 15.43 -17.20 27.60
N PRO A 151 16.75 -17.39 27.37
CA PRO A 151 17.23 -18.00 26.13
C PRO A 151 16.45 -19.28 25.83
N GLY A 152 15.88 -19.37 24.61
CA GLY A 152 15.24 -20.59 24.14
C GLY A 152 13.72 -20.56 24.31
N ASP A 153 13.24 -19.64 25.13
CA ASP A 153 11.83 -19.51 25.41
C ASP A 153 11.17 -18.83 24.22
N LYS A 154 10.13 -19.47 23.71
CA LYS A 154 9.44 -18.94 22.54
C LYS A 154 8.22 -18.14 22.96
N ARG A 155 7.86 -18.20 24.25
CA ARG A 155 6.74 -17.41 24.75
C ARG A 155 7.08 -15.94 24.56
N ASP A 156 6.09 -15.15 24.07
CA ASP A 156 6.19 -13.70 24.05
C ASP A 156 7.31 -13.24 23.10
N THR A 157 7.33 -13.82 21.89
CA THR A 157 8.36 -13.56 20.90
C THR A 157 7.70 -13.28 19.55
N SER A 158 8.52 -12.70 18.67
CA SER A 158 8.21 -12.53 17.28
C SER A 158 9.54 -12.53 16.53
N THR A 159 9.49 -12.20 15.24
CA THR A 159 10.70 -12.00 14.46
C THR A 159 10.78 -10.53 14.01
N PRO A 160 11.99 -9.98 13.82
CA PRO A 160 12.12 -8.60 13.32
C PRO A 160 11.28 -8.35 12.06
N LYS A 161 11.32 -9.31 11.12
CA LYS A 161 10.54 -9.22 9.88
C LYS A 161 9.05 -9.03 10.20
N ALA A 162 8.49 -9.89 11.08
CA ALA A 162 7.06 -9.86 11.33
C ALA A 162 6.69 -8.53 11.99
N VAL A 163 7.58 -8.08 12.88
CA VAL A 163 7.30 -6.84 13.58
C VAL A 163 7.30 -5.70 12.56
N ALA A 164 8.27 -5.73 11.65
CA ALA A 164 8.38 -4.71 10.62
C ALA A 164 7.12 -4.67 9.77
N ASN A 165 6.75 -5.85 9.28
CA ASN A 165 5.60 -6.00 8.39
C ASN A 165 4.35 -5.46 9.06
N SER A 166 4.16 -5.88 10.31
CA SER A 166 2.93 -5.60 11.03
C SER A 166 2.83 -4.11 11.32
N LEU A 167 4.00 -3.51 11.60
CA LEU A 167 4.02 -2.09 11.88
C LEU A 167 3.67 -1.34 10.61
N ASN A 168 4.21 -1.81 9.49
CA ASN A 168 3.95 -1.19 8.20
C ASN A 168 2.44 -1.19 7.91
N LYS A 169 1.79 -2.35 8.16
CA LYS A 169 0.36 -2.54 7.87
C LYS A 169 -0.46 -1.62 8.77
N LEU A 170 0.04 -1.38 9.98
CA LEU A 170 -0.77 -0.73 10.99
C LEU A 170 -0.63 0.78 10.90
N ALA A 171 0.62 1.27 10.79
CA ALA A 171 0.94 2.69 10.78
C ALA A 171 0.73 3.32 9.42
N LEU A 172 0.94 2.53 8.35
CA LEU A 172 0.92 3.09 7.01
C LEU A 172 -0.15 2.43 6.14
N GLY A 173 -0.59 1.21 6.48
CA GLY A 173 -1.57 0.51 5.64
C GLY A 173 -3.01 0.88 6.00
N ASN A 174 -3.97 0.01 5.65
CA ASN A 174 -5.38 0.36 5.76
C ASN A 174 -6.10 -0.51 6.80
N VAL A 175 -5.38 -1.12 7.75
CA VAL A 175 -6.05 -1.72 8.89
C VAL A 175 -6.91 -0.69 9.61
N LEU A 176 -6.31 0.47 9.88
CA LEU A 176 -7.00 1.56 10.59
C LEU A 176 -7.51 2.54 9.55
N ASN A 177 -8.77 2.95 9.68
CA ASN A 177 -9.28 4.00 8.81
C ASN A 177 -8.42 5.26 9.00
N ALA A 178 -8.67 6.24 8.12
CA ALA A 178 -7.84 7.43 7.96
C ALA A 178 -7.71 8.17 9.28
N LYS A 179 -8.84 8.39 9.94
CA LYS A 179 -8.91 9.15 11.18
C LYS A 179 -8.16 8.43 12.29
N VAL A 180 -8.40 7.13 12.43
CA VAL A 180 -7.83 6.43 13.57
C VAL A 180 -6.34 6.14 13.29
N LYS A 181 -6.02 5.87 12.02
CA LYS A 181 -4.61 5.80 11.63
C LYS A 181 -3.86 7.08 12.07
N ALA A 182 -4.49 8.26 11.94
CA ALA A 182 -3.79 9.50 12.24
C ALA A 182 -3.47 9.57 13.72
N ILE A 183 -4.40 9.09 14.56
CA ILE A 183 -4.21 9.07 16.01
C ILE A 183 -3.06 8.11 16.36
N TYR A 184 -3.11 6.90 15.80
CA TYR A 184 -2.04 5.94 15.98
C TYR A 184 -0.68 6.57 15.67
N GLN A 185 -0.59 7.22 14.51
CA GLN A 185 0.66 7.84 14.08
C GLN A 185 1.14 8.89 15.06
N ASN A 186 0.21 9.78 15.50
CA ASN A 186 0.50 10.78 16.52
C ASN A 186 0.96 10.12 17.82
N TRP A 187 0.32 8.99 18.19
CA TRP A 187 0.77 8.30 19.38
C TRP A 187 2.22 7.85 19.21
N LEU A 188 2.57 7.27 18.05
CA LEU A 188 3.90 6.74 17.85
C LEU A 188 4.92 7.88 17.86
N LYS A 189 4.56 8.99 17.19
CA LYS A 189 5.42 10.16 17.11
C LYS A 189 5.77 10.69 18.50
N GLY A 190 4.81 10.73 19.44
CA GLY A 190 5.08 11.23 20.79
C GLY A 190 5.60 10.18 21.79
N ASN A 191 6.06 9.02 21.31
CA ASN A 191 6.64 8.03 22.23
C ASN A 191 7.78 8.68 23.02
N THR A 192 7.99 8.30 24.29
CA THR A 192 8.99 9.00 25.10
C THR A 192 10.22 8.17 25.41
N THR A 193 10.26 6.90 25.00
CA THR A 193 11.19 5.98 25.63
C THR A 193 12.32 5.64 24.66
N GLY A 194 12.24 6.20 23.45
CA GLY A 194 13.09 5.77 22.34
C GLY A 194 14.17 6.76 21.94
N ASP A 195 14.46 7.76 22.78
CA ASP A 195 15.41 8.80 22.42
C ASP A 195 16.79 8.24 22.05
N ALA A 196 17.19 7.15 22.71
CA ALA A 196 18.55 6.64 22.58
C ALA A 196 18.66 5.53 21.53
N ARG A 197 17.55 5.19 20.85
CA ARG A 197 17.56 4.05 19.94
C ARG A 197 17.50 4.51 18.49
N ILE A 198 16.40 4.19 17.79
CA ILE A 198 16.31 4.49 16.37
C ILE A 198 16.27 6.00 16.11
N ARG A 199 15.65 6.75 17.03
CA ARG A 199 15.59 8.20 16.97
C ARG A 199 16.99 8.83 16.94
N ALA A 200 17.96 8.22 17.63
CA ALA A 200 19.35 8.68 17.61
C ALA A 200 20.10 8.37 16.31
N SER A 201 19.51 7.56 15.42
CA SER A 201 20.19 7.09 14.23
C SER A 201 19.91 7.95 12.99
N VAL A 202 19.05 8.98 13.11
CA VAL A 202 18.54 9.63 11.90
C VAL A 202 18.74 11.14 12.00
N PRO A 203 18.74 11.88 10.87
CA PRO A 203 18.80 13.35 10.91
C PRO A 203 17.70 13.98 11.77
N ALA A 204 18.07 15.07 12.45
CA ALA A 204 17.18 15.82 13.33
C ALA A 204 15.92 16.29 12.58
N ASP A 205 15.98 16.36 11.23
CA ASP A 205 14.82 16.87 10.49
C ASP A 205 13.93 15.75 9.96
N TRP A 206 14.23 14.50 10.30
CA TRP A 206 13.29 13.43 10.00
C TRP A 206 12.28 13.32 11.14
N VAL A 207 11.01 13.02 10.80
CA VAL A 207 10.02 12.73 11.82
C VAL A 207 9.97 11.21 12.07
N VAL A 208 9.90 10.83 13.37
CA VAL A 208 9.95 9.42 13.79
C VAL A 208 8.79 9.16 14.74
N GLY A 209 8.09 8.03 14.51
CA GLY A 209 7.25 7.39 15.52
C GLY A 209 7.84 6.05 15.90
N ASP A 210 7.86 5.70 17.21
CA ASP A 210 8.52 4.45 17.57
C ASP A 210 7.88 3.77 18.79
N LYS A 211 8.29 2.51 19.04
CA LYS A 211 7.95 1.81 20.26
C LYS A 211 9.12 0.94 20.70
N THR A 212 9.54 1.09 21.97
CA THR A 212 10.65 0.30 22.49
C THR A 212 10.18 -0.89 23.35
N GLY A 213 11.15 -1.75 23.66
CA GLY A 213 10.99 -2.72 24.74
C GLY A 213 12.30 -2.86 25.50
N SER A 214 12.19 -3.10 26.81
CA SER A 214 13.35 -3.40 27.63
C SER A 214 12.96 -4.43 28.69
N CYS A 215 13.26 -5.71 28.42
CA CYS A 215 12.93 -6.85 29.25
C CYS A 215 13.61 -6.78 30.62
N GLY A 216 14.77 -6.11 30.71
CA GLY A 216 15.50 -5.98 31.97
C GLY A 216 16.18 -7.29 32.35
N ALA A 217 16.44 -8.15 31.36
CA ALA A 217 17.19 -9.35 31.64
C ALA A 217 17.76 -9.85 30.32
N TYR A 218 18.88 -10.57 30.42
CA TYR A 218 19.56 -11.16 29.28
C TYR A 218 19.80 -10.08 28.22
N GLY A 219 20.17 -8.88 28.67
CA GLY A 219 20.40 -7.73 27.81
C GLY A 219 19.43 -7.69 26.63
N THR A 220 18.13 -7.82 26.89
CA THR A 220 17.13 -7.91 25.83
C THR A 220 16.41 -6.57 25.71
N ALA A 221 16.53 -5.93 24.53
CA ALA A 221 15.90 -4.65 24.26
C ALA A 221 15.59 -4.55 22.77
N ASN A 222 14.66 -3.66 22.41
CA ASN A 222 14.29 -3.52 21.02
C ASN A 222 13.70 -2.12 20.75
N ASP A 223 13.52 -1.83 19.46
CA ASP A 223 12.84 -0.62 19.02
C ASP A 223 12.32 -0.89 17.62
N TYR A 224 11.08 -0.47 17.35
CA TYR A 224 10.64 -0.42 15.98
C TYR A 224 10.16 0.99 15.64
N ALA A 225 10.29 1.38 14.37
CA ALA A 225 10.05 2.78 14.01
C ALA A 225 9.43 2.91 12.63
N VAL A 226 8.58 3.95 12.49
CA VAL A 226 8.20 4.49 11.20
C VAL A 226 8.90 5.82 11.08
N ILE A 227 9.59 6.02 9.93
CA ILE A 227 10.44 7.17 9.73
C ILE A 227 9.96 7.89 8.47
N TRP A 228 9.74 9.21 8.62
CA TRP A 228 9.36 10.12 7.54
C TRP A 228 10.53 11.05 7.23
N PRO A 229 11.47 10.71 6.30
CA PRO A 229 12.54 11.63 5.88
C PRO A 229 11.86 12.79 5.17
N LYS A 230 12.57 13.90 5.05
CA LYS A 230 11.92 15.12 4.63
C LYS A 230 11.36 14.97 3.20
N ASN A 231 12.23 14.64 2.25
CA ASN A 231 11.80 14.76 0.87
C ASN A 231 11.21 13.45 0.31
N ARG A 232 11.10 12.39 1.13
CA ARG A 232 10.93 11.03 0.61
C ARG A 232 9.85 10.24 1.34
N ALA A 233 9.57 9.03 0.81
CA ALA A 233 8.61 8.11 1.38
C ALA A 233 9.15 7.56 2.70
N PRO A 234 8.26 7.08 3.61
CA PRO A 234 8.70 6.60 4.92
C PRO A 234 9.46 5.26 4.86
N LEU A 235 10.23 5.04 5.92
CA LEU A 235 10.99 3.82 6.17
C LEU A 235 10.36 3.09 7.35
N ILE A 236 10.56 1.76 7.40
CA ILE A 236 10.17 0.97 8.58
C ILE A 236 11.47 0.36 9.06
N VAL A 237 11.77 0.51 10.35
CA VAL A 237 12.98 -0.04 10.95
C VAL A 237 12.58 -0.84 12.20
N SER A 238 13.11 -2.06 12.28
CA SER A 238 12.79 -2.97 13.37
C SER A 238 14.10 -3.59 13.85
N ILE A 239 14.44 -3.34 15.12
CA ILE A 239 15.68 -3.78 15.75
C ILE A 239 15.39 -4.51 17.05
N TYR A 240 15.85 -5.77 17.17
CA TYR A 240 15.67 -6.57 18.38
C TYR A 240 17.02 -7.13 18.79
N THR A 241 17.29 -7.20 20.10
CA THR A 241 18.57 -7.73 20.56
C THR A 241 18.34 -8.64 21.76
N THR A 242 19.21 -9.66 21.90
CA THR A 242 19.38 -10.47 23.09
C THR A 242 20.86 -10.58 23.45
N ARG A 243 21.11 -10.99 24.70
CA ARG A 243 22.46 -11.19 25.17
C ARG A 243 22.50 -12.51 25.94
N LYS A 244 23.69 -12.93 26.38
CA LYS A 244 23.95 -14.30 26.79
C LYS A 244 23.54 -14.57 28.25
N SER A 245 24.03 -13.75 29.18
CA SER A 245 23.79 -13.93 30.61
C SER A 245 22.64 -13.05 31.10
N LYS A 246 22.03 -13.50 32.21
CA LYS A 246 20.85 -12.90 32.82
C LYS A 246 21.14 -11.46 33.26
N ASP A 247 22.41 -11.22 33.67
CA ASP A 247 22.87 -10.01 34.32
CA ASP A 247 22.79 -9.98 34.32
C ASP A 247 23.36 -8.98 33.31
N ASP A 248 23.63 -9.44 32.07
CA ASP A 248 24.03 -8.56 30.98
C ASP A 248 22.95 -7.53 30.75
N LYS A 249 23.40 -6.28 30.62
CA LYS A 249 22.56 -5.13 30.34
C LYS A 249 22.36 -4.97 28.84
N HIS A 250 21.24 -4.36 28.46
CA HIS A 250 20.94 -4.05 27.07
C HIS A 250 21.84 -2.91 26.63
N SER A 251 21.83 -2.59 25.33
CA SER A 251 22.73 -1.55 24.83
C SER A 251 21.97 -0.64 23.88
N ASP A 252 21.61 0.55 24.35
CA ASP A 252 20.96 1.53 23.49
C ASP A 252 21.87 1.84 22.29
N LYS A 253 23.16 1.99 22.53
CA LYS A 253 24.03 2.39 21.44
C LYS A 253 24.05 1.33 20.33
N THR A 254 23.99 0.04 20.72
CA THR A 254 24.02 -1.04 19.75
C THR A 254 22.76 -0.97 18.89
N ILE A 255 21.62 -0.67 19.52
CA ILE A 255 20.37 -0.55 18.78
C ILE A 255 20.47 0.65 17.83
N ALA A 256 21.06 1.75 18.32
CA ALA A 256 21.11 2.92 17.46
C ALA A 256 22.04 2.65 16.27
N GLU A 257 23.19 2.00 16.52
CA GLU A 257 24.14 1.70 15.45
C GLU A 257 23.55 0.72 14.43
N ALA A 258 22.86 -0.33 14.92
CA ALA A 258 22.19 -1.32 14.08
C ALA A 258 21.19 -0.65 13.14
N SER A 259 20.46 0.33 13.68
CA SER A 259 19.53 1.15 12.90
C SER A 259 20.27 1.92 11.80
N ARG A 260 21.37 2.60 12.17
CA ARG A 260 22.22 3.33 11.23
C ARG A 260 22.57 2.45 10.05
N ILE A 261 23.09 1.26 10.35
CA ILE A 261 23.51 0.28 9.36
C ILE A 261 22.31 -0.13 8.50
N ALA A 262 21.19 -0.48 9.13
CA ALA A 262 20.02 -0.89 8.36
C ALA A 262 19.55 0.23 7.44
N ILE A 263 19.54 1.47 7.91
CA ILE A 263 19.00 2.53 7.08
C ILE A 263 19.87 2.69 5.83
N GLN A 264 21.19 2.64 6.04
CA GLN A 264 22.14 2.71 4.94
C GLN A 264 21.82 1.63 3.91
N ALA A 265 21.58 0.39 4.38
CA ALA A 265 21.36 -0.76 3.53
C ALA A 265 20.18 -0.52 2.57
N ILE A 266 19.16 0.24 2.98
CA ILE A 266 17.94 0.32 2.19
C ILE A 266 17.84 1.64 1.45
N ASP A 267 18.79 2.55 1.74
CA ASP A 267 18.63 3.95 1.45
C ASP A 267 18.85 4.23 -0.05
N ASN B 1 0.62 23.62 -38.78
CA ASN B 1 1.45 22.47 -39.26
C ASN B 1 0.59 21.20 -39.35
N LYS B 2 1.24 20.03 -39.30
CA LYS B 2 0.59 18.74 -39.41
C LYS B 2 -0.43 18.57 -38.27
N SER B 3 -0.22 19.31 -37.18
CA SER B 3 -1.08 19.29 -36.02
C SER B 3 -2.49 19.78 -36.35
N ASP B 4 -2.59 20.90 -37.07
CA ASP B 4 -3.83 21.49 -37.55
C ASP B 4 -4.52 20.51 -38.50
N ALA B 5 -3.71 19.77 -39.24
CA ALA B 5 -4.22 18.87 -40.25
C ALA B 5 -4.64 17.53 -39.63
N ALA B 6 -3.95 17.08 -38.56
CA ALA B 6 -4.43 15.93 -37.77
C ALA B 6 -5.73 16.29 -37.06
N ALA B 7 -5.82 17.54 -36.59
CA ALA B 7 -6.99 18.01 -35.85
C ALA B 7 -8.19 18.02 -36.79
N LYS B 8 -7.98 18.39 -38.05
CA LYS B 8 -9.11 18.46 -38.95
C LYS B 8 -9.62 17.06 -39.28
N GLN B 9 -8.71 16.08 -39.28
CA GLN B 9 -9.09 14.69 -39.50
C GLN B 9 -9.88 14.13 -38.32
N ILE B 10 -9.46 14.42 -37.08
CA ILE B 10 -10.21 13.95 -35.92
C ILE B 10 -11.60 14.57 -35.99
N LYS B 11 -11.65 15.87 -36.29
CA LYS B 11 -12.90 16.59 -36.37
C LYS B 11 -13.89 15.89 -37.32
N LYS B 12 -13.44 15.59 -38.55
CA LYS B 12 -14.29 14.93 -39.54
C LYS B 12 -14.65 13.52 -39.04
N LEU B 13 -13.70 12.87 -38.37
CA LEU B 13 -13.92 11.50 -37.89
C LEU B 13 -15.06 11.46 -36.88
N GLU B 14 -15.10 12.42 -35.95
CA GLU B 14 -16.15 12.40 -34.94
C GLU B 14 -17.50 12.76 -35.57
N GLU B 15 -17.47 13.63 -36.60
CA GLU B 15 -18.69 14.05 -37.29
C GLU B 15 -19.24 12.90 -38.13
N ASP B 16 -18.34 12.03 -38.64
CA ASP B 16 -18.76 10.91 -39.45
C ASP B 16 -19.64 9.96 -38.65
N PHE B 17 -19.38 9.83 -37.33
CA PHE B 17 -20.09 8.82 -36.54
C PHE B 17 -20.97 9.45 -35.45
N ASP B 18 -21.13 10.78 -35.50
CA ASP B 18 -22.09 11.49 -34.66
C ASP B 18 -21.73 11.32 -33.19
N GLY B 19 -20.49 11.71 -32.87
CA GLY B 19 -19.87 11.39 -31.60
C GLY B 19 -18.79 12.41 -31.29
N ARG B 20 -18.02 12.14 -30.24
CA ARG B 20 -17.00 13.05 -29.77
C ARG B 20 -15.76 12.22 -29.50
N ILE B 21 -14.62 12.71 -29.98
CA ILE B 21 -13.38 11.94 -29.84
C ILE B 21 -12.37 12.79 -29.09
N GLY B 22 -11.68 12.18 -28.12
CA GLY B 22 -10.62 12.86 -27.39
C GLY B 22 -9.31 12.08 -27.54
N VAL B 23 -8.23 12.77 -27.90
CA VAL B 23 -6.96 12.13 -28.19
C VAL B 23 -5.85 12.86 -27.43
N PHE B 24 -4.84 12.10 -26.98
CA PHE B 24 -3.59 12.73 -26.58
C PHE B 24 -2.48 11.72 -26.79
N ALA B 25 -1.36 12.16 -27.36
CA ALA B 25 -0.32 11.21 -27.72
C ALA B 25 1.03 11.83 -27.48
N ILE B 26 1.98 11.02 -27.01
CA ILE B 26 3.31 11.47 -26.64
C ILE B 26 4.35 10.62 -27.36
N ASP B 27 5.30 11.27 -28.04
CA ASP B 27 6.54 10.64 -28.43
C ASP B 27 7.60 10.89 -27.35
N THR B 28 7.93 9.85 -26.58
CA THR B 28 8.78 10.04 -25.41
C THR B 28 10.20 10.40 -25.85
N GLY B 29 10.56 10.13 -27.12
CA GLY B 29 11.91 10.31 -27.61
C GLY B 29 12.15 11.73 -28.10
N SER B 30 11.08 12.44 -28.45
CA SER B 30 11.24 13.82 -28.90
C SER B 30 10.60 14.78 -27.90
N GLY B 31 9.59 14.33 -27.16
CA GLY B 31 8.81 15.22 -26.31
C GLY B 31 7.57 15.74 -27.04
N ASN B 32 7.45 15.39 -28.34
CA ASN B 32 6.37 15.83 -29.19
C ASN B 32 5.02 15.27 -28.72
N THR B 33 3.98 16.12 -28.74
CA THR B 33 2.65 15.67 -28.34
C THR B 33 1.61 16.15 -29.35
N PHE B 34 0.53 15.40 -29.47
CA PHE B 34 -0.69 15.89 -30.11
C PHE B 34 -1.86 15.59 -29.19
N GLY B 35 -2.73 16.60 -28.99
CA GLY B 35 -4.00 16.42 -28.28
C GLY B 35 -5.13 17.00 -29.12
N TYR B 36 -6.31 16.35 -29.03
CA TYR B 36 -7.56 16.88 -29.54
C TYR B 36 -8.65 16.66 -28.49
N ARG B 37 -9.37 17.74 -28.15
CA ARG B 37 -10.21 17.77 -26.95
C ARG B 37 -9.50 17.08 -25.79
N SER B 38 -8.19 17.25 -25.67
CA SER B 38 -7.37 16.50 -24.72
C SER B 38 -7.68 16.89 -23.27
N ASP B 39 -8.31 18.05 -23.07
CA ASP B 39 -8.66 18.54 -21.75
C ASP B 39 -10.15 18.36 -21.43
N GLU B 40 -10.93 17.81 -22.38
CA GLU B 40 -12.33 17.54 -22.11
C GLU B 40 -12.46 16.25 -21.29
N ARG B 41 -13.59 16.13 -20.58
CA ARG B 41 -13.88 14.93 -19.81
C ARG B 41 -14.59 13.86 -20.64
N PHE B 42 -14.16 12.61 -20.40
CA PHE B 42 -14.74 11.46 -21.04
C PHE B 42 -14.94 10.42 -19.93
N PRO B 43 -15.98 9.58 -19.99
CA PRO B 43 -16.12 8.43 -19.08
C PRO B 43 -14.92 7.50 -19.19
N LEU B 44 -14.40 7.04 -18.04
CA LEU B 44 -13.30 6.10 -17.98
C LEU B 44 -13.72 4.70 -18.44
N CYS B 45 -14.95 4.30 -18.09
CA CYS B 45 -15.35 2.91 -18.24
C CYS B 45 -14.31 2.00 -17.61
N SER B 46 -14.04 0.86 -18.26
CA SER B 46 -13.14 -0.14 -17.68
C SER B 46 -11.70 0.31 -17.67
N SER B 47 -11.38 1.44 -18.35
CA SER B 47 -9.98 1.79 -18.56
C SER B 47 -9.29 2.09 -17.23
N PHE B 48 -10.07 2.50 -16.22
CA PHE B 48 -9.46 2.79 -14.93
C PHE B 48 -8.82 1.52 -14.35
N LYS B 49 -9.24 0.35 -14.83
CA LYS B 49 -8.75 -0.93 -14.31
C LYS B 49 -7.24 -1.03 -14.50
N GLY B 50 -6.75 -0.43 -15.59
CA GLY B 50 -5.32 -0.35 -15.81
C GLY B 50 -4.60 0.46 -14.73
N PHE B 51 -5.24 1.50 -14.21
CA PHE B 51 -4.63 2.25 -13.12
C PHE B 51 -4.80 1.46 -11.84
N LEU B 52 -5.97 0.84 -11.72
CA LEU B 52 -6.24 0.05 -10.53
C LEU B 52 -5.11 -0.95 -10.34
N ALA B 53 -4.68 -1.57 -11.44
CA ALA B 53 -3.72 -2.64 -11.31
C ALA B 53 -2.41 -2.06 -10.82
N ALA B 54 -2.07 -0.86 -11.32
CA ALA B 54 -0.84 -0.20 -10.93
C ALA B 54 -0.85 0.16 -9.45
N ALA B 55 -2.00 0.65 -8.97
CA ALA B 55 -2.16 0.95 -7.55
C ALA B 55 -1.86 -0.30 -6.71
N VAL B 56 -2.32 -1.45 -7.17
CA VAL B 56 -2.04 -2.68 -6.44
C VAL B 56 -0.53 -2.89 -6.39
N LEU B 57 0.14 -2.67 -7.53
CA LEU B 57 1.55 -2.94 -7.65
C LEU B 57 2.34 -1.98 -6.77
N GLU B 58 1.82 -0.75 -6.66
CA GLU B 58 2.44 0.22 -5.78
C GLU B 58 2.36 -0.23 -4.33
N ARG B 59 1.23 -0.85 -3.95
CA ARG B 59 1.06 -1.31 -2.58
CA ARG B 59 1.04 -1.33 -2.58
C ARG B 59 2.00 -2.49 -2.31
N VAL B 60 2.18 -3.36 -3.31
CA VAL B 60 3.06 -4.52 -3.25
C VAL B 60 4.50 -4.03 -3.07
N GLN B 61 4.86 -2.96 -3.78
CA GLN B 61 6.17 -2.34 -3.68
C GLN B 61 6.43 -1.79 -2.27
N GLN B 62 5.42 -1.06 -1.75
CA GLN B 62 5.44 -0.48 -0.42
C GLN B 62 5.47 -1.55 0.67
N LYS B 63 5.22 -2.81 0.27
CA LYS B 63 5.10 -3.99 1.12
C LYS B 63 3.85 -3.95 2.00
N LYS B 64 2.87 -3.11 1.65
CA LYS B 64 1.58 -3.19 2.31
C LYS B 64 0.85 -4.49 1.91
N LEU B 65 1.11 -5.01 0.71
CA LEU B 65 0.50 -6.25 0.28
C LEU B 65 1.57 -7.18 -0.31
N ASP B 66 1.29 -8.49 -0.33
CA ASP B 66 2.15 -9.47 -0.97
C ASP B 66 1.48 -9.94 -2.27
N ILE B 67 2.25 -9.96 -3.37
CA ILE B 67 1.71 -10.23 -4.70
C ILE B 67 1.15 -11.65 -4.76
N ASN B 68 1.71 -12.55 -3.93
CA ASN B 68 1.27 -13.94 -3.93
C ASN B 68 0.24 -14.24 -2.85
N GLN B 69 -0.24 -13.21 -2.13
CA GLN B 69 -1.20 -13.46 -1.06
C GLN B 69 -2.50 -14.01 -1.65
N LYS B 70 -3.10 -15.00 -0.96
CA LYS B 70 -4.31 -15.66 -1.40
C LYS B 70 -5.50 -14.72 -1.15
N VAL B 71 -6.31 -14.48 -2.19
CA VAL B 71 -7.51 -13.67 -2.04
C VAL B 71 -8.73 -14.58 -2.22
N LYS B 72 -9.57 -14.71 -1.17
CA LYS B 72 -10.68 -15.65 -1.16
C LYS B 72 -12.00 -14.90 -1.19
N TYR B 73 -13.01 -15.47 -1.87
CA TYR B 73 -14.29 -14.81 -2.10
C TYR B 73 -15.37 -15.84 -2.44
N GLU B 74 -15.28 -16.99 -1.74
CA GLU B 74 -16.01 -18.21 -2.05
CA GLU B 74 -16.01 -18.20 -2.09
C GLU B 74 -17.52 -17.99 -1.99
N SER B 75 -17.96 -16.97 -1.23
CA SER B 75 -19.39 -16.75 -0.98
C SER B 75 -19.91 -15.52 -1.71
N ARG B 76 -19.04 -14.84 -2.47
CA ARG B 76 -19.47 -13.60 -3.10
C ARG B 76 -20.36 -13.93 -4.30
N ASP B 77 -21.45 -13.18 -4.45
CA ASP B 77 -22.19 -13.14 -5.70
C ASP B 77 -21.39 -12.26 -6.67
N LEU B 78 -20.71 -12.88 -7.63
CA LEU B 78 -19.80 -12.11 -8.48
C LEU B 78 -20.58 -11.27 -9.49
N GLU B 79 -20.12 -10.01 -9.64
CA GLU B 79 -20.66 -9.07 -10.60
C GLU B 79 -20.60 -9.65 -12.02
N TYR B 80 -21.50 -9.16 -12.88
CA TYR B 80 -21.50 -9.48 -14.31
C TYR B 80 -20.15 -9.10 -14.93
N HIS B 81 -19.74 -9.89 -15.91
CA HIS B 81 -18.45 -9.79 -16.60
C HIS B 81 -17.33 -9.99 -15.59
N SER B 82 -17.33 -11.18 -14.99
CA SER B 82 -16.30 -11.59 -14.04
C SER B 82 -15.69 -12.90 -14.53
N PRO B 83 -15.19 -12.95 -15.80
CA PRO B 83 -14.84 -14.21 -16.44
C PRO B 83 -13.65 -14.97 -15.85
N ILE B 84 -12.79 -14.28 -15.12
CA ILE B 84 -11.62 -14.94 -14.55
C ILE B 84 -11.93 -15.27 -13.09
N THR B 85 -12.51 -14.31 -12.36
CA THR B 85 -12.77 -14.57 -10.96
C THR B 85 -13.82 -15.67 -10.79
N THR B 86 -14.70 -15.85 -11.78
CA THR B 86 -15.69 -16.92 -11.74
CA THR B 86 -15.70 -16.92 -11.74
C THR B 86 -15.01 -18.28 -11.71
N LYS B 87 -13.89 -18.43 -12.44
CA LYS B 87 -13.27 -19.75 -12.48
C LYS B 87 -12.54 -20.11 -11.20
N TYR B 88 -12.14 -19.13 -10.38
CA TYR B 88 -11.38 -19.46 -9.18
C TYR B 88 -12.21 -19.17 -7.92
N LYS B 89 -13.52 -19.10 -8.10
CA LYS B 89 -14.38 -18.79 -6.98
C LYS B 89 -14.10 -19.80 -5.88
N GLY B 90 -13.97 -21.07 -6.29
CA GLY B 90 -13.84 -22.19 -5.35
C GLY B 90 -12.57 -22.12 -4.51
N SER B 91 -11.46 -21.65 -5.11
CA SER B 91 -10.17 -21.89 -4.50
C SER B 91 -9.35 -20.61 -4.29
N GLY B 92 -9.88 -19.45 -4.73
CA GLY B 92 -9.24 -18.15 -4.56
C GLY B 92 -8.21 -17.86 -5.65
N MET B 93 -7.63 -16.64 -5.61
CA MET B 93 -6.55 -16.22 -6.51
C MET B 93 -5.51 -15.41 -5.74
N THR B 94 -4.24 -15.49 -6.16
CA THR B 94 -3.22 -14.57 -5.64
C THR B 94 -3.68 -13.13 -5.93
N LEU B 95 -3.21 -12.16 -5.15
CA LEU B 95 -3.52 -10.77 -5.43
C LEU B 95 -3.06 -10.38 -6.83
N GLY B 96 -1.86 -10.83 -7.22
CA GLY B 96 -1.28 -10.51 -8.52
C GLY B 96 -2.22 -10.91 -9.66
N ASP B 97 -2.70 -12.15 -9.60
CA ASP B 97 -3.54 -12.73 -10.64
C ASP B 97 -4.88 -11.98 -10.71
N MET B 98 -5.39 -11.62 -9.53
CA MET B 98 -6.68 -10.95 -9.49
C MET B 98 -6.51 -9.58 -10.17
N ALA B 99 -5.37 -8.92 -9.90
CA ALA B 99 -5.06 -7.60 -10.42
C ALA B 99 -4.93 -7.64 -11.93
N SER B 100 -4.18 -8.63 -12.45
CA SER B 100 -3.92 -8.77 -13.87
C SER B 100 -5.21 -9.11 -14.64
N ALA B 101 -6.08 -9.91 -14.02
CA ALA B 101 -7.38 -10.23 -14.59
C ALA B 101 -8.27 -8.98 -14.67
N ALA B 102 -8.25 -8.14 -13.62
CA ALA B 102 -8.93 -6.87 -13.72
C ALA B 102 -8.37 -6.08 -14.91
N LEU B 103 -7.07 -6.24 -15.21
CA LEU B 103 -6.44 -5.42 -16.26
C LEU B 103 -6.69 -6.04 -17.63
N GLN B 104 -6.36 -7.35 -17.77
CA GLN B 104 -6.29 -7.99 -19.09
C GLN B 104 -7.65 -8.48 -19.58
N TYR B 105 -8.65 -8.55 -18.68
CA TYR B 105 -9.96 -9.07 -19.01
C TYR B 105 -11.09 -8.17 -18.51
N SER B 106 -10.72 -7.05 -17.84
CA SER B 106 -11.71 -6.10 -17.37
CA SER B 106 -11.70 -6.09 -17.35
C SER B 106 -12.66 -6.76 -16.36
N ASP B 107 -12.13 -7.63 -15.49
CA ASP B 107 -12.94 -8.47 -14.61
C ASP B 107 -13.53 -7.63 -13.48
N ASN B 108 -14.86 -7.45 -13.50
CA ASN B 108 -15.57 -6.57 -12.58
C ASN B 108 -15.48 -7.08 -11.14
N GLY B 109 -15.56 -8.41 -10.96
CA GLY B 109 -15.43 -9.01 -9.64
C GLY B 109 -14.07 -8.67 -9.04
N ALA B 110 -13.01 -8.90 -9.82
CA ALA B 110 -11.67 -8.61 -9.36
C ALA B 110 -11.57 -7.13 -9.02
N THR B 111 -12.24 -6.31 -9.83
CA THR B 111 -12.23 -4.87 -9.67
C THR B 111 -12.84 -4.47 -8.32
N ASN B 112 -14.08 -4.89 -8.10
CA ASN B 112 -14.78 -4.53 -6.86
C ASN B 112 -14.07 -5.12 -5.65
N ILE B 113 -13.57 -6.36 -5.77
CA ILE B 113 -12.90 -7.00 -4.64
C ILE B 113 -11.66 -6.20 -4.24
N ILE B 114 -10.87 -5.77 -5.24
CA ILE B 114 -9.62 -5.08 -4.94
C ILE B 114 -9.92 -3.72 -4.29
N MET B 115 -10.93 -3.03 -4.81
CA MET B 115 -11.25 -1.68 -4.35
C MET B 115 -11.81 -1.72 -2.93
N GLU B 116 -12.48 -2.84 -2.62
CA GLU B 116 -13.14 -2.98 -1.32
C GLU B 116 -12.12 -3.37 -0.25
N ARG B 117 -11.16 -4.24 -0.56
CA ARG B 117 -10.26 -4.73 0.48
C ARG B 117 -8.90 -4.05 0.51
N PHE B 118 -8.46 -3.40 -0.58
CA PHE B 118 -7.05 -3.05 -0.67
C PHE B 118 -6.79 -1.60 -1.09
N LEU B 119 -7.71 -0.99 -1.85
CA LEU B 119 -7.49 0.34 -2.40
C LEU B 119 -8.31 1.45 -1.73
N GLY B 120 -9.26 1.10 -0.86
CA GLY B 120 -10.06 2.13 -0.19
C GLY B 120 -11.22 2.65 -1.04
N GLY B 121 -11.79 1.81 -1.91
CA GLY B 121 -12.96 2.20 -2.69
C GLY B 121 -12.61 3.21 -3.77
N PRO B 122 -13.62 3.70 -4.53
CA PRO B 122 -13.44 4.79 -5.49
C PRO B 122 -12.71 6.03 -5.00
N GLU B 123 -12.90 6.37 -3.73
CA GLU B 123 -12.23 7.53 -3.17
C GLU B 123 -10.75 7.21 -3.03
N GLY B 124 -10.41 6.00 -2.60
CA GLY B 124 -9.01 5.60 -2.47
C GLY B 124 -8.30 5.42 -3.82
N MET B 125 -9.04 4.97 -4.84
CA MET B 125 -8.53 4.86 -6.20
C MET B 125 -8.19 6.25 -6.72
N THR B 126 -9.09 7.22 -6.45
CA THR B 126 -8.85 8.60 -6.82
C THR B 126 -7.63 9.11 -6.06
N LYS B 127 -7.55 8.80 -4.76
CA LYS B 127 -6.41 9.24 -3.97
C LYS B 127 -5.10 8.81 -4.62
N PHE B 128 -5.02 7.59 -5.16
CA PHE B 128 -3.78 7.12 -5.76
C PHE B 128 -3.38 8.03 -6.92
N MET B 129 -4.36 8.37 -7.75
CA MET B 129 -4.16 9.17 -8.94
C MET B 129 -3.62 10.56 -8.56
N ARG B 130 -4.22 11.17 -7.51
CA ARG B 130 -3.73 12.41 -6.91
C ARG B 130 -2.25 12.25 -6.51
N SER B 131 -1.91 11.06 -6.00
CA SER B 131 -0.59 10.81 -5.42
C SER B 131 0.48 10.71 -6.52
N ILE B 132 0.10 10.58 -7.79
CA ILE B 132 1.09 10.49 -8.86
C ILE B 132 1.08 11.76 -9.71
N GLY B 133 0.23 12.71 -9.33
CA GLY B 133 0.21 14.01 -10.00
C GLY B 133 -0.99 14.16 -10.92
N ASP B 134 -1.91 13.19 -10.95
CA ASP B 134 -3.12 13.32 -11.76
C ASP B 134 -4.23 14.05 -11.00
N ASN B 135 -4.61 15.22 -11.53
CA ASN B 135 -5.58 16.07 -10.85
C ASN B 135 -6.93 16.04 -11.55
N GLU B 136 -7.05 15.26 -12.63
CA GLU B 136 -8.27 15.23 -13.43
C GLU B 136 -9.09 13.99 -13.10
N PHE B 137 -8.41 12.84 -13.01
CA PHE B 137 -9.09 11.58 -12.77
C PHE B 137 -10.00 11.68 -11.54
N ARG B 138 -11.25 11.22 -11.67
CA ARG B 138 -12.11 10.99 -10.51
C ARG B 138 -12.96 9.74 -10.73
N LEU B 139 -12.83 8.77 -9.84
CA LEU B 139 -13.74 7.64 -9.77
C LEU B 139 -14.68 7.86 -8.60
N ASP B 140 -15.98 7.62 -8.82
CA ASP B 140 -17.01 8.00 -7.86
C ASP B 140 -17.83 6.79 -7.43
N ARG B 141 -18.09 5.89 -8.38
CA ARG B 141 -18.99 4.76 -8.19
C ARG B 141 -18.22 3.44 -8.35
N TRP B 142 -18.85 2.36 -7.90
CA TRP B 142 -18.36 0.99 -8.06
C TRP B 142 -18.89 0.41 -9.38
N GLU B 143 -18.34 -0.75 -9.77
CA GLU B 143 -18.89 -1.53 -10.86
C GLU B 143 -20.21 -2.13 -10.38
N LEU B 144 -21.24 -2.11 -11.23
CA LEU B 144 -21.10 -1.67 -12.60
C LEU B 144 -21.74 -0.29 -12.84
N GLU B 145 -22.14 0.44 -11.78
CA GLU B 145 -22.88 1.70 -11.87
C GLU B 145 -22.05 2.84 -12.51
N LEU B 146 -20.72 2.70 -12.48
CA LEU B 146 -19.82 3.74 -12.96
C LEU B 146 -19.78 3.83 -14.49
N ASN B 147 -20.55 2.95 -15.17
CA ASN B 147 -20.52 2.82 -16.63
C ASN B 147 -21.61 3.64 -17.35
N THR B 148 -22.44 4.39 -16.60
CA THR B 148 -23.61 5.04 -17.20
C THR B 148 -23.23 5.99 -18.36
N ALA B 149 -22.07 6.64 -18.29
CA ALA B 149 -21.60 7.53 -19.34
C ALA B 149 -22.64 8.56 -19.80
N ILE B 150 -23.39 9.15 -18.86
CA ILE B 150 -24.41 10.15 -19.15
C ILE B 150 -23.72 11.43 -19.62
N PRO B 151 -24.08 12.00 -20.78
CA PRO B 151 -23.47 13.25 -21.24
C PRO B 151 -23.51 14.33 -20.16
N GLY B 152 -22.35 14.97 -19.95
CA GLY B 152 -22.24 16.14 -19.09
C GLY B 152 -22.00 15.78 -17.63
N ASP B 153 -21.98 14.49 -17.31
CA ASP B 153 -21.74 14.02 -15.96
C ASP B 153 -20.25 13.88 -15.69
N LYS B 154 -19.81 14.37 -14.53
CA LYS B 154 -18.38 14.45 -14.21
C LYS B 154 -17.90 13.18 -13.53
N ARG B 155 -18.83 12.40 -12.95
CA ARG B 155 -18.56 11.17 -12.22
C ARG B 155 -17.89 10.15 -13.15
N ASP B 156 -16.77 9.60 -12.67
CA ASP B 156 -16.10 8.49 -13.32
C ASP B 156 -15.59 8.92 -14.69
N THR B 157 -14.91 10.08 -14.70
CA THR B 157 -14.35 10.64 -15.91
C THR B 157 -12.88 10.93 -15.65
N SER B 158 -12.09 10.97 -16.74
CA SER B 158 -10.85 11.73 -16.76
C SER B 158 -10.75 12.50 -18.08
N THR B 159 -9.55 13.03 -18.39
CA THR B 159 -9.29 13.65 -19.67
C THR B 159 -8.25 12.83 -20.43
N PRO B 160 -8.26 12.89 -21.77
CA PRO B 160 -7.29 12.11 -22.56
C PRO B 160 -5.86 12.41 -22.15
N LYS B 161 -5.52 13.69 -22.01
CA LYS B 161 -4.19 14.15 -21.61
C LYS B 161 -3.77 13.55 -20.27
N ALA B 162 -4.66 13.64 -19.25
CA ALA B 162 -4.35 13.17 -17.91
C ALA B 162 -4.08 11.67 -17.93
N VAL B 163 -4.93 10.94 -18.63
CA VAL B 163 -4.76 9.50 -18.70
C VAL B 163 -3.40 9.19 -19.33
N ALA B 164 -3.07 9.89 -20.42
CA ALA B 164 -1.79 9.67 -21.11
C ALA B 164 -0.62 10.02 -20.18
N ASN B 165 -0.72 11.14 -19.48
CA ASN B 165 0.38 11.55 -18.62
C ASN B 165 0.56 10.55 -17.47
N SER B 166 -0.55 10.01 -16.94
CA SER B 166 -0.44 9.04 -15.85
C SER B 166 0.10 7.70 -16.33
N LEU B 167 -0.37 7.25 -17.49
CA LEU B 167 0.18 6.04 -18.07
C LEU B 167 1.70 6.19 -18.23
N ASN B 168 2.14 7.39 -18.63
CA ASN B 168 3.55 7.64 -18.90
C ASN B 168 4.36 7.46 -17.62
N LYS B 169 3.86 8.04 -16.52
CA LYS B 169 4.48 7.99 -15.21
C LYS B 169 4.48 6.57 -14.66
N LEU B 170 3.45 5.77 -15.01
CA LEU B 170 3.29 4.43 -14.47
C LEU B 170 4.04 3.38 -15.29
N ALA B 171 3.93 3.44 -16.61
CA ALA B 171 4.51 2.40 -17.43
C ALA B 171 6.00 2.66 -17.69
N LEU B 172 6.42 3.94 -17.73
CA LEU B 172 7.75 4.30 -18.22
C LEU B 172 8.53 5.08 -17.16
N GLY B 173 7.79 5.73 -16.25
CA GLY B 173 8.35 6.63 -15.27
C GLY B 173 8.85 5.91 -14.02
N ASN B 174 8.75 6.61 -12.88
CA ASN B 174 9.51 6.25 -11.69
C ASN B 174 8.59 5.93 -10.52
N VAL B 175 7.30 5.73 -10.78
CA VAL B 175 6.39 5.40 -9.70
C VAL B 175 6.69 3.97 -9.25
N LEU B 176 6.95 3.08 -10.22
CA LEU B 176 7.25 1.69 -9.89
C LEU B 176 8.73 1.45 -10.12
N ASN B 177 9.34 0.61 -9.27
CA ASN B 177 10.77 0.32 -9.39
C ASN B 177 10.96 -0.60 -10.61
N ALA B 178 12.21 -0.88 -10.95
CA ALA B 178 12.53 -1.61 -12.19
C ALA B 178 11.74 -2.93 -12.28
N LYS B 179 11.77 -3.73 -11.21
CA LYS B 179 11.15 -5.05 -11.19
C LYS B 179 9.62 -4.94 -11.28
N VAL B 180 9.05 -3.99 -10.53
CA VAL B 180 7.60 -3.85 -10.42
C VAL B 180 7.06 -3.21 -11.70
N LYS B 181 7.84 -2.31 -12.29
CA LYS B 181 7.48 -1.63 -13.53
C LYS B 181 7.38 -2.67 -14.65
N ALA B 182 8.29 -3.66 -14.63
CA ALA B 182 8.36 -4.70 -15.65
C ALA B 182 7.14 -5.61 -15.55
N ILE B 183 6.67 -5.87 -14.32
CA ILE B 183 5.47 -6.67 -14.17
C ILE B 183 4.30 -5.90 -14.79
N TYR B 184 4.12 -4.64 -14.38
CA TYR B 184 3.04 -3.81 -14.92
C TYR B 184 3.12 -3.76 -16.45
N GLN B 185 4.35 -3.60 -16.98
CA GLN B 185 4.56 -3.63 -18.43
C GLN B 185 4.09 -4.95 -19.02
N ASN B 186 4.42 -6.04 -18.35
CA ASN B 186 4.02 -7.35 -18.84
C ASN B 186 2.51 -7.55 -18.78
N TRP B 187 1.86 -6.99 -17.76
CA TRP B 187 0.42 -7.12 -17.71
C TRP B 187 -0.23 -6.44 -18.89
N LEU B 188 0.16 -5.19 -19.15
CA LEU B 188 -0.34 -4.40 -20.27
C LEU B 188 -0.15 -5.08 -21.63
N LYS B 189 1.04 -5.69 -21.86
CA LYS B 189 1.33 -6.36 -23.12
C LYS B 189 0.43 -7.58 -23.32
N GLY B 190 0.04 -8.23 -22.23
CA GLY B 190 -0.80 -9.41 -22.29
C GLY B 190 -2.29 -9.09 -22.21
N ASN B 191 -2.67 -7.83 -22.39
CA ASN B 191 -4.08 -7.47 -22.46
C ASN B 191 -4.73 -8.29 -23.59
N THR B 192 -5.98 -8.75 -23.38
CA THR B 192 -6.63 -9.65 -24.33
C THR B 192 -7.77 -8.93 -25.05
N THR B 193 -8.13 -7.71 -24.65
CA THR B 193 -9.34 -7.05 -25.13
C THR B 193 -9.08 -5.90 -26.15
N GLY B 194 -7.81 -5.63 -26.51
CA GLY B 194 -7.55 -4.44 -27.29
C GLY B 194 -7.19 -4.69 -28.77
N ASP B 195 -7.51 -5.87 -29.32
CA ASP B 195 -7.06 -6.21 -30.67
C ASP B 195 -7.57 -5.23 -31.74
N ALA B 196 -8.79 -4.67 -31.54
CA ALA B 196 -9.45 -4.00 -32.64
C ALA B 196 -9.31 -2.50 -32.49
N ARG B 197 -8.52 -2.04 -31.51
CA ARG B 197 -8.44 -0.62 -31.15
C ARG B 197 -7.05 -0.12 -31.53
N ILE B 198 -6.29 0.43 -30.55
CA ILE B 198 -4.95 0.96 -30.77
C ILE B 198 -4.00 -0.07 -31.41
N ARG B 199 -4.05 -1.35 -30.98
CA ARG B 199 -3.16 -2.38 -31.52
C ARG B 199 -3.40 -2.62 -33.01
N ALA B 200 -4.62 -2.30 -33.52
CA ALA B 200 -4.92 -2.43 -34.94
C ALA B 200 -4.38 -1.22 -35.71
N SER B 201 -3.85 -0.25 -34.98
CA SER B 201 -3.41 0.98 -35.65
C SER B 201 -1.92 0.98 -35.94
N VAL B 202 -1.17 -0.05 -35.53
CA VAL B 202 0.28 0.05 -35.61
C VAL B 202 0.88 -1.12 -36.40
N PRO B 203 2.12 -1.00 -36.95
CA PRO B 203 2.79 -2.14 -37.56
C PRO B 203 2.76 -3.32 -36.60
N ALA B 204 2.63 -4.53 -37.17
CA ALA B 204 2.36 -5.77 -36.44
C ALA B 204 3.58 -6.25 -35.65
N ASP B 205 4.75 -5.62 -35.86
CA ASP B 205 5.95 -5.99 -35.13
C ASP B 205 6.34 -4.89 -34.12
N TRP B 206 5.45 -3.91 -33.96
CA TRP B 206 5.49 -3.06 -32.79
C TRP B 206 4.89 -3.78 -31.58
N VAL B 207 5.54 -3.62 -30.41
CA VAL B 207 5.04 -4.16 -29.15
C VAL B 207 4.19 -3.10 -28.44
N VAL B 208 3.00 -3.53 -28.02
CA VAL B 208 1.96 -2.69 -27.46
C VAL B 208 1.49 -3.27 -26.13
N GLY B 209 1.33 -2.39 -25.13
CA GLY B 209 0.62 -2.68 -23.90
C GLY B 209 -0.56 -1.71 -23.77
N ASP B 210 -1.75 -2.22 -23.42
CA ASP B 210 -2.91 -1.34 -23.51
C ASP B 210 -3.96 -1.75 -22.49
N LYS B 211 -4.87 -0.82 -22.19
CA LYS B 211 -6.08 -1.14 -21.43
C LYS B 211 -7.27 -0.50 -22.11
N THR B 212 -8.35 -1.27 -22.34
CA THR B 212 -9.54 -0.76 -23.01
C THR B 212 -10.59 -0.31 -22.00
N GLY B 213 -11.69 0.25 -22.51
CA GLY B 213 -12.91 0.45 -21.76
C GLY B 213 -14.13 0.45 -22.68
N SER B 214 -15.22 -0.22 -22.26
CA SER B 214 -16.51 -0.15 -22.94
C SER B 214 -17.66 -0.02 -21.94
N CYS B 215 -18.22 1.19 -21.85
CA CYS B 215 -19.24 1.46 -20.86
C CYS B 215 -20.53 0.76 -21.23
N GLY B 216 -20.73 0.51 -22.53
CA GLY B 216 -21.94 -0.07 -23.07
C GLY B 216 -23.15 0.87 -22.95
N ALA B 217 -22.91 2.18 -22.85
CA ALA B 217 -23.94 3.20 -22.91
C ALA B 217 -23.37 4.43 -23.61
N TYR B 218 -24.22 5.08 -24.42
CA TYR B 218 -23.87 6.23 -25.25
C TYR B 218 -22.64 5.94 -26.09
N GLY B 219 -22.57 4.69 -26.58
CA GLY B 219 -21.51 4.23 -27.44
C GLY B 219 -20.12 4.66 -26.96
N THR B 220 -19.87 4.54 -25.66
CA THR B 220 -18.67 5.07 -25.03
C THR B 220 -17.59 3.99 -24.93
N ALA B 221 -16.39 4.33 -25.39
CA ALA B 221 -15.32 3.34 -25.51
C ALA B 221 -13.99 4.07 -25.66
N ASN B 222 -12.94 3.39 -25.24
CA ASN B 222 -11.63 3.99 -25.11
C ASN B 222 -10.54 2.92 -25.02
N ASP B 223 -9.30 3.40 -25.12
CA ASP B 223 -8.10 2.61 -25.11
C ASP B 223 -6.93 3.55 -24.88
N TYR B 224 -6.00 3.12 -24.03
CA TYR B 224 -4.74 3.82 -23.89
C TYR B 224 -3.63 2.79 -23.99
N ALA B 225 -2.45 3.20 -24.49
CA ALA B 225 -1.44 2.19 -24.78
C ALA B 225 -0.04 2.79 -24.58
N VAL B 226 0.89 1.93 -24.16
CA VAL B 226 2.32 2.14 -24.28
C VAL B 226 2.74 1.32 -25.50
N ILE B 227 3.55 1.92 -26.38
CA ILE B 227 3.91 1.33 -27.66
C ILE B 227 5.44 1.40 -27.81
N TRP B 228 6.03 0.23 -28.11
CA TRP B 228 7.47 0.09 -28.25
C TRP B 228 7.80 -0.18 -29.71
N PRO B 229 8.08 0.83 -30.58
CA PRO B 229 8.43 0.55 -31.97
C PRO B 229 9.81 -0.09 -32.05
N LYS B 230 10.12 -0.64 -33.23
CA LYS B 230 11.44 -1.20 -33.43
C LYS B 230 12.39 -0.03 -33.71
N ASN B 231 13.55 -0.03 -33.03
CA ASN B 231 14.59 0.98 -33.19
C ASN B 231 14.09 2.39 -32.89
N ARG B 232 13.31 2.56 -31.80
CA ARG B 232 12.70 3.84 -31.48
C ARG B 232 12.28 3.88 -30.01
N ALA B 233 12.07 5.11 -29.50
CA ALA B 233 11.62 5.37 -28.14
C ALA B 233 10.10 5.15 -28.03
N PRO B 234 9.60 4.77 -26.82
CA PRO B 234 8.17 4.45 -26.66
C PRO B 234 7.22 5.61 -26.96
N LEU B 235 6.03 5.27 -27.46
CA LEU B 235 4.94 6.20 -27.65
C LEU B 235 3.87 5.91 -26.61
N ILE B 236 3.15 6.96 -26.21
CA ILE B 236 1.97 6.87 -25.36
C ILE B 236 0.80 7.41 -26.18
N VAL B 237 -0.28 6.61 -26.30
CA VAL B 237 -1.44 7.00 -27.07
C VAL B 237 -2.70 6.84 -26.19
N SER B 238 -3.55 7.89 -26.15
CA SER B 238 -4.77 7.83 -25.36
C SER B 238 -5.97 8.32 -26.18
N ILE B 239 -6.98 7.45 -26.33
CA ILE B 239 -8.16 7.70 -27.17
C ILE B 239 -9.42 7.43 -26.36
N TYR B 240 -10.30 8.45 -26.27
CA TYR B 240 -11.59 8.39 -25.57
C TYR B 240 -12.70 8.81 -26.54
N THR B 241 -13.80 8.04 -26.57
CA THR B 241 -14.90 8.35 -27.46
C THR B 241 -16.24 8.23 -26.73
N THR B 242 -17.20 9.08 -27.13
CA THR B 242 -18.59 8.96 -26.74
CA THR B 242 -18.59 8.94 -26.75
C THR B 242 -19.44 9.20 -27.99
N ARG B 243 -20.74 8.88 -27.90
CA ARG B 243 -21.66 9.15 -29.00
C ARG B 243 -22.91 9.87 -28.47
N LYS B 244 -23.75 10.34 -29.40
CA LYS B 244 -24.77 11.30 -29.03
C LYS B 244 -25.95 10.64 -28.32
N SER B 245 -26.18 9.33 -28.51
CA SER B 245 -27.41 8.69 -28.06
C SER B 245 -27.15 7.51 -27.12
N LYS B 246 -28.06 7.30 -26.15
CA LYS B 246 -27.90 6.29 -25.13
C LYS B 246 -27.67 4.94 -25.79
N ASP B 247 -28.39 4.69 -26.89
CA ASP B 247 -28.45 3.38 -27.52
C ASP B 247 -27.30 3.16 -28.49
N ASP B 248 -26.54 4.22 -28.83
CA ASP B 248 -25.48 4.06 -29.81
C ASP B 248 -24.52 3.00 -29.30
N LYS B 249 -23.88 2.27 -30.22
CA LYS B 249 -22.89 1.27 -29.85
C LYS B 249 -21.51 1.90 -30.07
N HIS B 250 -20.48 1.39 -29.38
CA HIS B 250 -19.16 2.01 -29.51
C HIS B 250 -18.61 1.63 -30.88
N SER B 251 -17.46 2.23 -31.25
CA SER B 251 -16.90 2.07 -32.58
C SER B 251 -15.41 1.75 -32.47
N ASP B 252 -15.06 0.46 -32.50
CA ASP B 252 -13.66 0.09 -32.39
C ASP B 252 -12.88 0.72 -33.56
N LYS B 253 -13.52 0.73 -34.73
CA LYS B 253 -12.88 1.27 -35.93
C LYS B 253 -12.53 2.74 -35.77
N THR B 254 -13.41 3.51 -35.12
CA THR B 254 -13.19 4.94 -34.94
C THR B 254 -11.98 5.10 -34.02
N ILE B 255 -11.94 4.27 -32.98
CA ILE B 255 -10.86 4.31 -32.01
C ILE B 255 -9.55 3.93 -32.72
N ALA B 256 -9.61 2.94 -33.60
CA ALA B 256 -8.41 2.56 -34.32
C ALA B 256 -7.94 3.70 -35.20
N GLU B 257 -8.87 4.35 -35.92
CA GLU B 257 -8.52 5.35 -36.92
C GLU B 257 -7.91 6.58 -36.22
N ALA B 258 -8.54 6.98 -35.10
CA ALA B 258 -8.08 8.07 -34.27
C ALA B 258 -6.66 7.83 -33.77
N SER B 259 -6.36 6.59 -33.35
CA SER B 259 -5.02 6.22 -32.97
C SER B 259 -4.04 6.40 -34.15
N ARG B 260 -4.46 5.99 -35.34
CA ARG B 260 -3.58 6.12 -36.52
C ARG B 260 -3.25 7.60 -36.74
N ILE B 261 -4.26 8.46 -36.59
CA ILE B 261 -4.14 9.90 -36.81
C ILE B 261 -3.21 10.55 -35.77
N ALA B 262 -3.38 10.16 -34.51
CA ALA B 262 -2.60 10.73 -33.43
C ALA B 262 -1.12 10.34 -33.54
N ILE B 263 -0.87 9.06 -33.92
CA ILE B 263 0.48 8.54 -34.09
C ILE B 263 1.17 9.29 -35.22
N GLN B 264 0.46 9.53 -36.33
CA GLN B 264 1.01 10.33 -37.41
C GLN B 264 1.43 11.71 -36.92
N ALA B 265 0.58 12.34 -36.11
CA ALA B 265 0.73 13.72 -35.67
C ALA B 265 2.02 13.92 -34.88
N ILE B 266 2.41 12.94 -34.05
CA ILE B 266 3.54 13.06 -33.13
C ILE B 266 4.78 12.44 -33.77
N ASP B 267 4.58 11.96 -35.00
CA ASP B 267 5.56 11.14 -35.68
C ASP B 267 6.38 12.03 -36.62
C1 4D6 C . 11.41 -6.52 36.25
C1 4D6 C . 10.61 -7.54 35.86
C3 4D6 C . 11.44 -4.65 34.63
C3 4D6 C . 10.85 -5.68 34.19
C5 4D6 C . 12.30 -5.57 36.62
C5 4D6 C . 11.22 -6.45 36.40
C7 4D6 C . 9.88 -3.86 32.69
C7 4D6 C . 9.51 -4.46 32.29
C11 4D6 C . 8.98 -1.53 30.95
C11 4D6 C . 8.51 -1.84 31.04
C12 4D6 C . 9.90 -0.79 29.97
C12 4D6 C . 9.60 -0.84 30.64
C14 4D6 C . 9.40 -1.04 28.57
C14 4D6 C . 9.71 -0.77 29.13
C17 4D6 C . 10.33 -0.61 27.47
C17 4D6 C . 10.86 0.10 28.63
O20 4D6 C . 12.09 0.90 26.95
O20 4D6 C . 11.93 -0.05 26.48
C18 4D6 C . 10.91 0.79 27.38
C18 4D6 C . 10.86 0.22 27.11
O19 4D6 C . 10.17 1.74 27.71
O19 4D6 C . 9.80 0.61 26.56
O16 4D6 C . 9.47 -2.45 28.30
O16 4D6 C . 10.00 -2.10 28.66
B15 4D6 C . 8.85 -3.38 29.07
B15 4D6 C . 9.07 -3.07 28.78
O27 4D6 C . 9.59 -4.49 28.75
O27 4D6 C . 9.73 -4.18 28.29
C34 4D6 C . 8.88 -3.03 30.65
C34 4D6 C . 8.63 -3.20 30.33
N9 4D6 C . 9.95 -3.70 31.37
N9 4D6 C . 9.63 -3.99 31.04
O8 4D6 C . 8.80 -3.88 33.28
O8 4D6 C . 8.43 -4.44 32.90
C6 4D6 C . 11.20 -3.79 33.44
C6 4D6 C . 10.81 -4.91 32.91
S2 4D6 C . 10.63 -6.10 34.82
S2 4D6 C . 10.25 -7.25 34.24
C4 4D6 C . 12.33 -4.48 35.68
C4 4D6 C . 11.37 -5.36 35.45
O1 PG4 D . -7.05 -10.91 36.10
C1 PG4 D . -7.71 -10.60 37.32
C2 PG4 D . -7.76 -9.13 37.60
O2 PG4 D . -6.67 -8.72 38.44
C3 PG4 D . -5.40 -8.77 37.80
C4 PG4 D . -4.38 -9.42 38.69
O3 PG4 D . -4.91 -10.65 39.20
C5 PG4 D . -3.92 -11.52 39.78
C6 PG4 D . -3.42 -12.51 38.74
O4 PG4 D . -2.23 -11.98 38.16
C7 PG4 D . -1.42 -12.94 37.49
C8 PG4 D . -0.02 -12.85 38.02
O5 PG4 D . 0.71 -14.06 37.83
C1 EDO E . -4.06 -10.25 34.60
O1 EDO E . -2.93 -9.87 35.34
C2 EDO E . -4.12 -11.72 34.63
O2 EDO E . -2.92 -12.27 35.11
C1 4D6 F . -23.96 -2.73 -17.49
C3 4D6 F . -21.83 -3.17 -18.72
C5 4D6 F . -24.05 -3.84 -18.30
C7 4D6 F . -19.23 -3.26 -18.43
C11 4D6 F . -16.40 -4.37 -18.48
C12 4D6 F . -16.06 -4.66 -19.94
C14 4D6 F . -14.93 -3.75 -20.39
C17 4D6 F . -14.62 -3.92 -21.86
O20 4D6 F . -12.24 -3.58 -21.66
C18 4D6 F . -13.29 -3.32 -22.32
O19 4D6 F . -13.32 -2.60 -23.34
O16 4D6 F . -15.27 -2.37 -20.18
B15 4D6 F . -15.63 -1.94 -18.95
O27 4D6 F . -16.12 -0.69 -19.25
C34 4D6 F . -16.78 -2.90 -18.31
N9 4D6 F . -18.10 -2.69 -18.89
O8 4D6 F . -19.23 -3.92 -17.38
C6 4D6 F . -20.45 -3.10 -19.31
S2 4D6 F . -22.44 -1.99 -17.59
C4 4D6 F . -22.83 -4.09 -19.02
O1 PG4 G . 3.14 15.37 -44.41
C1 PG4 G . 3.73 16.13 -43.37
C2 PG4 G . 5.00 15.51 -42.87
O2 PG4 G . 4.81 14.14 -42.55
C3 PG4 G . 5.29 13.78 -41.25
C4 PG4 G . 4.78 12.42 -40.88
O3 PG4 G . 5.88 11.62 -40.47
C5 PG4 G . 6.77 11.27 -41.54
C6 PG4 G . 7.45 9.97 -41.22
O4 PG4 G . 8.61 10.20 -40.42
C7 PG4 G . 8.33 10.68 -39.10
C8 PG4 G . 9.41 11.61 -38.63
O5 PG4 G . 8.90 12.90 -38.32
#